data_7GW0
#
_entry.id   7GW0
#
_cell.length_a   67.860
_cell.length_b   67.860
_cell.length_c   167.230
_cell.angle_alpha   90.000
_cell.angle_beta   90.000
_cell.angle_gamma   120.000
#
_symmetry.space_group_name_H-M   'P 61 2 2'
#
loop_
_entity.id
_entity.type
_entity.pdbx_description
1 polymer 'B-cell lymphoma 6 protein'
2 polymer 'WVIP tetrapeptide'
3 non-polymer 5-[(2,5-dichloropyridin-4-yl)amino]-1,3-dihydro-2H-indol-2-one
4 non-polymer 'CHLORIDE ION'
5 non-polymer 'DIMETHYL SULFOXIDE'
6 water water
#
loop_
_entity_poly.entity_id
_entity_poly.type
_entity_poly.pdbx_seq_one_letter_code
_entity_poly.pdbx_strand_id
1 'polypeptide(L)'
;GPGADSCIQFTRHASDVLLNLNRLRSRDILTDVVIVVSREQFRAHKTVLMACSGLFYSIFTDQLKCNLSVINLDPEINPE
GFCILLDFMYTSRLNLREGNIMAVMATAMYLQMEHVVDTCRKFIKASE
;
A
2 'polypeptide(L)' (ACE)WVIPA D
#
loop_
_chem_comp.id
_chem_comp.type
_chem_comp.name
_chem_comp.formula
A1ACR non-polymer 5-[(2,5-dichloropyridin-4-yl)amino]-1,3-dihydro-2H-indol-2-one 'C13 H9 Cl2 N3 O'
ACE non-polymer 'ACETYL GROUP' 'C2 H4 O'
CL non-polymer 'CHLORIDE ION' 'Cl -1'
DMS non-polymer 'DIMETHYL SULFOXIDE' 'C2 H6 O S'
#
# COMPACT_ATOMS: atom_id res chain seq x y z
N SER A 6 -2.70 24.56 20.39
CA SER A 6 -3.38 25.65 19.69
C SER A 6 -3.02 25.76 18.17
N CYS A 7 -2.73 24.63 17.53
CA CYS A 7 -2.40 24.57 16.09
C CYS A 7 -3.65 24.82 15.23
N ILE A 8 -3.45 25.18 13.96
CA ILE A 8 -4.49 25.22 12.93
C ILE A 8 -4.21 24.00 12.05
N GLN A 9 -5.19 23.54 11.28
N GLN A 9 -5.24 23.42 11.46
CA GLN A 9 -4.98 22.37 10.45
CA GLN A 9 -5.07 22.21 10.67
C GLN A 9 -5.41 22.57 9.00
C GLN A 9 -5.52 22.39 9.24
N PHE A 10 -4.60 22.10 8.05
N PHE A 10 -4.68 21.94 8.31
CA PHE A 10 -4.96 22.14 6.62
CA PHE A 10 -4.94 21.99 6.87
C PHE A 10 -5.56 20.79 6.24
C PHE A 10 -5.61 20.69 6.48
N THR A 11 -6.90 20.75 6.13
CA THR A 11 -7.71 19.57 5.81
C THR A 11 -7.16 18.70 4.66
N ARG A 12 -6.77 19.33 3.54
CA ARG A 12 -6.30 18.59 2.36
C ARG A 12 -4.83 18.18 2.39
N HIS A 13 -4.07 18.56 3.42
CA HIS A 13 -2.63 18.28 3.45
C HIS A 13 -2.26 16.81 3.26
N ALA A 14 -2.82 15.86 4.06
CA ALA A 14 -2.46 14.44 3.94
C ALA A 14 -2.75 13.88 2.53
N SER A 15 -3.91 14.22 1.94
N SER A 15 -3.91 14.22 1.95
N SER A 15 -3.92 14.22 1.94
CA SER A 15 -4.31 13.77 0.60
CA SER A 15 -4.31 13.78 0.61
CA SER A 15 -4.30 13.76 0.60
C SER A 15 -3.35 14.30 -0.46
C SER A 15 -3.33 14.29 -0.43
C SER A 15 -3.34 14.30 -0.46
N ASP A 16 -2.93 15.58 -0.32
CA ASP A 16 -1.98 16.25 -1.23
C ASP A 16 -0.59 15.61 -1.12
N VAL A 17 -0.16 15.25 0.12
CA VAL A 17 1.13 14.57 0.31
C VAL A 17 1.08 13.22 -0.43
N LEU A 18 0.01 12.43 -0.22
CA LEU A 18 -0.13 11.11 -0.84
C LEU A 18 -0.18 11.18 -2.36
N LEU A 19 -0.87 12.19 -2.90
CA LEU A 19 -0.95 12.44 -4.33
C LEU A 19 0.45 12.72 -4.91
N ASN A 20 1.28 13.52 -4.21
CA ASN A 20 2.64 13.80 -4.65
C ASN A 20 3.55 12.60 -4.56
N LEU A 21 3.37 11.77 -3.53
CA LEU A 21 4.14 10.53 -3.39
C LEU A 21 3.81 9.58 -4.55
N ASN A 22 2.51 9.57 -4.98
CA ASN A 22 2.09 8.73 -6.09
C ASN A 22 2.69 9.24 -7.42
N ARG A 23 2.80 10.58 -7.58
CA ARG A 23 3.42 11.21 -8.75
C ARG A 23 4.91 10.82 -8.81
N LEU A 24 5.58 10.80 -7.65
CA LEU A 24 6.99 10.36 -7.58
C LEU A 24 7.10 8.89 -8.00
N ARG A 25 6.16 8.04 -7.53
CA ARG A 25 6.14 6.63 -7.90
C ARG A 25 5.96 6.42 -9.41
N SER A 26 4.98 7.13 -10.03
N SER A 26 4.98 7.14 -10.02
CA SER A 26 4.70 7.01 -11.46
CA SER A 26 4.68 7.08 -11.46
C SER A 26 5.90 7.44 -12.32
C SER A 26 5.87 7.47 -12.32
N ARG A 27 6.73 8.37 -11.81
CA ARG A 27 7.92 8.87 -12.51
C ARG A 27 9.21 8.16 -12.06
N ASP A 28 9.07 7.15 -11.18
CA ASP A 28 10.15 6.35 -10.61
C ASP A 28 11.21 7.21 -9.88
N ILE A 29 10.77 8.25 -9.17
CA ILE A 29 11.66 9.17 -8.44
C ILE A 29 11.80 8.75 -6.99
N LEU A 30 13.06 8.52 -6.55
CA LEU A 30 13.44 8.17 -5.18
C LEU A 30 12.88 6.82 -4.71
N THR A 31 12.42 5.96 -5.65
CA THR A 31 11.98 4.59 -5.34
C THR A 31 13.25 3.86 -4.90
N ASP A 32 13.17 3.11 -3.81
CA ASP A 32 14.35 2.48 -3.22
C ASP A 32 14.22 0.99 -3.02
N VAL A 33 13.17 0.37 -3.59
CA VAL A 33 12.96 -1.08 -3.48
C VAL A 33 12.15 -1.61 -4.68
N VAL A 34 12.42 -2.85 -5.06
CA VAL A 34 11.68 -3.59 -6.07
C VAL A 34 11.03 -4.76 -5.34
N ILE A 35 9.72 -4.88 -5.45
CA ILE A 35 8.96 -6.00 -4.88
C ILE A 35 8.73 -6.96 -6.03
N VAL A 36 9.23 -8.20 -5.88
CA VAL A 36 9.09 -9.24 -6.90
C VAL A 36 7.94 -10.17 -6.51
N VAL A 37 6.95 -10.29 -7.42
CA VAL A 37 5.76 -11.12 -7.24
C VAL A 37 5.69 -11.97 -8.51
N SER A 38 6.03 -13.27 -8.35
CA SER A 38 6.18 -14.26 -9.44
C SER A 38 7.19 -13.65 -10.46
N ARG A 39 6.80 -13.46 -11.72
CA ARG A 39 7.71 -12.88 -12.71
C ARG A 39 7.74 -11.33 -12.61
N GLU A 40 6.63 -10.72 -12.13
CA GLU A 40 6.38 -9.28 -12.08
C GLU A 40 7.19 -8.52 -11.03
N GLN A 41 7.63 -7.31 -11.41
CA GLN A 41 8.43 -6.42 -10.57
C GLN A 41 7.69 -5.13 -10.32
N PHE A 42 7.70 -4.63 -9.07
CA PHE A 42 7.02 -3.38 -8.71
C PHE A 42 7.97 -2.49 -7.94
N ARG A 43 8.24 -1.28 -8.45
CA ARG A 43 9.11 -0.33 -7.78
C ARG A 43 8.29 0.50 -6.81
N ALA A 44 8.84 0.80 -5.63
CA ALA A 44 8.10 1.57 -4.62
C ALA A 44 9.04 2.28 -3.64
N HIS A 45 8.46 3.02 -2.70
CA HIS A 45 9.18 3.70 -1.64
C HIS A 45 8.96 2.85 -0.39
N LYS A 46 10.06 2.42 0.25
CA LYS A 46 10.03 1.62 1.49
C LYS A 46 9.12 2.26 2.55
N THR A 47 9.24 3.58 2.79
CA THR A 47 8.44 4.29 3.82
C THR A 47 6.94 4.19 3.59
N VAL A 48 6.49 4.31 2.34
CA VAL A 48 5.07 4.22 1.98
C VAL A 48 4.58 2.79 2.21
N LEU A 49 5.38 1.78 1.78
CA LEU A 49 5.04 0.36 2.01
C LEU A 49 4.88 0.09 3.51
N MET A 50 5.83 0.59 4.33
CA MET A 50 5.78 0.41 5.80
C MET A 50 4.57 1.09 6.43
N ALA A 51 4.23 2.29 5.96
CA ALA A 51 3.11 3.07 6.47
C ALA A 51 1.75 2.39 6.23
N CYS A 52 1.68 1.53 5.19
CA CYS A 52 0.43 0.87 4.75
C CYS A 52 0.31 -0.57 5.13
N SER A 53 1.42 -1.24 5.40
CA SER A 53 1.42 -2.69 5.56
C SER A 53 2.19 -3.17 6.78
N GLY A 54 1.55 -4.01 7.58
CA GLY A 54 2.20 -4.60 8.75
C GLY A 54 3.36 -5.48 8.36
N LEU A 55 3.25 -6.17 7.20
CA LEU A 55 4.33 -7.02 6.70
C LEU A 55 5.57 -6.21 6.30
N PHE A 56 5.39 -5.15 5.48
CA PHE A 56 6.53 -4.31 5.09
C PHE A 56 7.12 -3.54 6.27
N TYR A 57 6.26 -3.17 7.25
CA TYR A 57 6.72 -2.52 8.47
C TYR A 57 7.74 -3.43 9.21
N SER A 58 7.39 -4.73 9.35
N SER A 58 7.39 -4.73 9.35
CA SER A 58 8.24 -5.73 10.00
CA SER A 58 8.23 -5.74 10.00
C SER A 58 9.54 -5.95 9.22
C SER A 58 9.53 -5.97 9.23
N ILE A 59 9.45 -6.07 7.89
CA ILE A 59 10.60 -6.30 6.99
C ILE A 59 11.60 -5.15 7.07
N PHE A 60 11.14 -3.92 6.86
CA PHE A 60 12.07 -2.81 6.80
C PHE A 60 12.50 -2.25 8.17
N THR A 61 11.99 -2.78 9.30
CA THR A 61 12.53 -2.38 10.62
C THR A 61 13.55 -3.42 11.06
N ASP A 62 13.69 -4.49 10.25
CA ASP A 62 14.68 -5.52 10.53
C ASP A 62 16.03 -5.02 10.07
N GLN A 63 17.01 -4.99 11.00
CA GLN A 63 18.37 -4.49 10.82
C GLN A 63 19.10 -5.02 9.56
N LEU A 64 18.79 -6.26 9.12
CA LEU A 64 19.38 -6.82 7.90
C LEU A 64 18.54 -6.54 6.65
N LYS A 65 17.22 -6.75 6.73
CA LYS A 65 16.31 -6.57 5.59
C LYS A 65 16.12 -5.12 5.20
N CYS A 66 16.27 -4.16 6.16
CA CYS A 66 16.09 -2.72 5.90
C CYS A 66 17.01 -2.23 4.77
N ASN A 67 18.12 -2.96 4.50
CA ASN A 67 19.15 -2.65 3.51
C ASN A 67 19.02 -3.38 2.16
N LEU A 68 17.99 -4.20 2.00
CA LEU A 68 17.78 -4.92 0.74
C LEU A 68 17.07 -4.03 -0.28
N SER A 69 17.52 -4.11 -1.54
CA SER A 69 16.96 -3.35 -2.67
CA SER A 69 16.94 -3.34 -2.65
C SER A 69 15.89 -4.18 -3.39
N VAL A 70 15.87 -5.51 -3.13
CA VAL A 70 14.93 -6.46 -3.73
C VAL A 70 14.28 -7.31 -2.63
N ILE A 71 12.95 -7.41 -2.66
CA ILE A 71 12.16 -8.23 -1.75
C ILE A 71 11.29 -9.17 -2.59
N ASN A 72 11.39 -10.47 -2.34
CA ASN A 72 10.62 -11.48 -3.05
C ASN A 72 9.45 -11.94 -2.18
N LEU A 73 8.23 -11.80 -2.69
CA LEU A 73 7.05 -12.25 -1.96
C LEU A 73 6.83 -13.74 -2.16
N ASP A 74 6.00 -14.34 -1.26
CA ASP A 74 5.61 -15.76 -1.28
C ASP A 74 5.06 -16.12 -2.68
N PRO A 75 5.50 -17.26 -3.30
CA PRO A 75 5.01 -17.62 -4.65
C PRO A 75 3.50 -17.73 -4.83
N GLU A 76 2.72 -17.91 -3.73
CA GLU A 76 1.26 -17.97 -3.76
C GLU A 76 0.62 -16.59 -4.06
N ILE A 77 1.37 -15.48 -3.86
CA ILE A 77 0.83 -14.14 -4.08
C ILE A 77 0.68 -13.86 -5.57
N ASN A 78 -0.53 -13.42 -5.94
CA ASN A 78 -0.94 -13.07 -7.29
C ASN A 78 -0.46 -11.65 -7.64
N PRO A 79 0.27 -11.45 -8.77
CA PRO A 79 0.75 -10.10 -9.14
C PRO A 79 -0.36 -9.04 -9.29
N GLU A 80 -1.52 -9.41 -9.84
CA GLU A 80 -2.65 -8.48 -10.00
C GLU A 80 -3.20 -8.02 -8.64
N GLY A 81 -3.36 -8.95 -7.71
CA GLY A 81 -3.78 -8.64 -6.35
C GLY A 81 -2.82 -7.67 -5.70
N PHE A 82 -1.48 -7.90 -5.90
CA PHE A 82 -0.47 -7.00 -5.35
C PHE A 82 -0.57 -5.61 -5.98
N CYS A 83 -0.68 -5.55 -7.30
CA CYS A 83 -0.78 -4.31 -8.05
C CYS A 83 -1.97 -3.43 -7.57
N ILE A 84 -3.15 -4.05 -7.35
CA ILE A 84 -4.37 -3.38 -6.86
C ILE A 84 -4.08 -2.80 -5.46
N LEU A 85 -3.39 -3.56 -4.62
CA LEU A 85 -3.05 -3.12 -3.26
C LEU A 85 -1.99 -2.04 -3.23
N LEU A 86 -0.99 -2.10 -4.12
CA LEU A 86 0.05 -1.07 -4.25
C LEU A 86 -0.60 0.25 -4.69
N ASP A 87 -1.54 0.18 -5.66
CA ASP A 87 -2.29 1.36 -6.10
C ASP A 87 -3.10 1.94 -4.94
N PHE A 88 -3.76 1.09 -4.13
CA PHE A 88 -4.51 1.56 -2.94
C PHE A 88 -3.57 2.30 -1.95
N MET A 89 -2.38 1.74 -1.71
CA MET A 89 -1.42 2.35 -0.78
C MET A 89 -1.13 3.80 -1.12
N TYR A 90 -0.91 4.06 -2.43
CA TYR A 90 -0.56 5.38 -2.93
C TYR A 90 -1.76 6.27 -3.30
N THR A 91 -3.01 5.76 -3.23
CA THR A 91 -4.14 6.61 -3.65
C THR A 91 -5.35 6.63 -2.71
N SER A 92 -5.47 5.63 -1.79
CA SER A 92 -6.68 5.41 -0.92
C SER A 92 -7.82 4.74 -1.71
N ARG A 93 -7.62 4.47 -3.02
CA ARG A 93 -8.65 3.88 -3.87
C ARG A 93 -8.41 2.40 -4.14
N LEU A 94 -9.42 1.59 -3.84
CA LEU A 94 -9.33 0.13 -4.02
C LEU A 94 -10.21 -0.36 -5.17
N ASN A 95 -9.58 -0.92 -6.23
CA ASN A 95 -10.28 -1.46 -7.41
C ASN A 95 -10.76 -2.88 -7.08
N LEU A 96 -11.81 -2.96 -6.28
CA LEU A 96 -12.38 -4.24 -5.82
C LEU A 96 -13.47 -4.66 -6.78
N ARG A 97 -13.31 -5.85 -7.39
CA ARG A 97 -14.25 -6.41 -8.36
C ARG A 97 -14.53 -7.88 -8.04
N GLU A 98 -15.67 -8.40 -8.53
CA GLU A 98 -16.06 -9.81 -8.33
C GLU A 98 -14.94 -10.77 -8.71
N GLY A 99 -14.29 -10.52 -9.85
CA GLY A 99 -13.22 -11.39 -10.35
C GLY A 99 -11.87 -11.30 -9.65
N ASN A 100 -11.66 -10.29 -8.79
CA ASN A 100 -10.39 -10.12 -8.10
C ASN A 100 -10.47 -10.15 -6.58
N ILE A 101 -11.69 -10.07 -6.01
CA ILE A 101 -11.91 -9.95 -4.56
C ILE A 101 -11.18 -11.04 -3.74
N MET A 102 -11.19 -12.29 -4.20
CA MET A 102 -10.53 -13.38 -3.47
C MET A 102 -9.01 -13.18 -3.45
N ALA A 103 -8.41 -12.79 -4.60
CA ALA A 103 -6.96 -12.55 -4.69
C ALA A 103 -6.58 -11.29 -3.90
N VAL A 104 -7.44 -10.25 -3.89
CA VAL A 104 -7.19 -9.02 -3.14
C VAL A 104 -7.21 -9.32 -1.63
N MET A 105 -8.25 -10.04 -1.13
CA MET A 105 -8.35 -10.36 0.30
C MET A 105 -7.14 -11.17 0.78
N ALA A 106 -6.77 -12.22 0.02
CA ALA A 106 -5.61 -13.08 0.36
C ALA A 106 -4.31 -12.28 0.41
N THR A 107 -4.10 -11.38 -0.58
CA THR A 107 -2.91 -10.54 -0.63
C THR A 107 -2.92 -9.54 0.56
N ALA A 108 -4.10 -8.96 0.88
CA ALA A 108 -4.22 -8.01 2.00
C ALA A 108 -3.96 -8.68 3.34
N MET A 109 -4.38 -9.96 3.49
CA MET A 109 -4.14 -10.74 4.71
C MET A 109 -2.63 -10.98 4.90
N TYR A 110 -1.94 -11.35 3.81
CA TYR A 110 -0.51 -11.59 3.76
C TYR A 110 0.27 -10.29 4.03
N LEU A 111 -0.18 -9.17 3.43
CA LEU A 111 0.49 -7.88 3.62
C LEU A 111 0.14 -7.23 4.95
N GLN A 112 -0.86 -7.77 5.67
CA GLN A 112 -1.36 -7.22 6.95
C GLN A 112 -1.89 -5.79 6.77
N MET A 113 -2.92 -5.65 5.94
CA MET A 113 -3.60 -4.37 5.64
C MET A 113 -5.02 -4.60 6.13
N GLU A 114 -5.21 -4.43 7.44
CA GLU A 114 -6.45 -4.77 8.15
C GLU A 114 -7.73 -4.11 7.63
N HIS A 115 -7.69 -2.84 7.22
CA HIS A 115 -8.90 -2.18 6.70
C HIS A 115 -9.35 -2.75 5.35
N VAL A 116 -8.40 -3.15 4.48
CA VAL A 116 -8.72 -3.80 3.20
C VAL A 116 -9.32 -5.18 3.49
N VAL A 117 -8.71 -5.96 4.41
CA VAL A 117 -9.25 -7.28 4.79
C VAL A 117 -10.72 -7.16 5.26
N ASP A 118 -10.99 -6.24 6.22
N ASP A 118 -11.01 -6.14 6.11
CA ASP A 118 -12.32 -6.02 6.81
CA ASP A 118 -12.35 -5.86 6.63
C ASP A 118 -13.43 -5.79 5.76
C ASP A 118 -13.40 -5.57 5.54
N THR A 119 -13.14 -4.98 4.74
N THR A 119 -13.06 -4.72 4.54
CA THR A 119 -14.07 -4.61 3.66
CA THR A 119 -14.02 -4.42 3.47
C THR A 119 -14.28 -5.75 2.70
C THR A 119 -14.24 -5.62 2.54
N CYS A 120 -13.20 -6.46 2.34
CA CYS A 120 -13.26 -7.65 1.48
C CYS A 120 -14.21 -8.67 2.10
N ARG A 121 -14.08 -8.89 3.43
CA ARG A 121 -14.94 -9.80 4.21
C ARG A 121 -16.40 -9.32 4.18
N LYS A 122 -16.61 -8.00 4.26
CA LYS A 122 -17.95 -7.41 4.23
C LYS A 122 -18.62 -7.61 2.87
N PHE A 123 -17.87 -7.36 1.77
CA PHE A 123 -18.34 -7.50 0.40
C PHE A 123 -18.63 -8.97 0.03
N ILE A 124 -17.78 -9.91 0.53
CA ILE A 124 -17.97 -11.36 0.30
C ILE A 124 -19.24 -11.84 1.00
N LYS A 125 -19.44 -11.41 2.28
CA LYS A 125 -20.61 -11.75 3.10
C LYS A 125 -21.92 -11.33 2.41
N ALA A 126 -21.95 -10.13 1.79
CA ALA A 126 -23.11 -9.58 1.07
C ALA A 126 -23.55 -10.44 -0.13
N SER A 127 -22.58 -11.10 -0.81
CA SER A 127 -22.80 -11.97 -1.96
C SER A 127 -22.86 -13.41 -1.47
C ACE B 1 -8.26 24.73 5.15
O ACE B 1 -7.88 23.59 5.43
CH3 ACE B 1 -8.84 25.05 3.77
N TRP B 2 -8.23 25.74 6.03
N TRP B 2 -8.20 25.75 6.02
CA TRP B 2 -7.70 25.61 7.39
CA TRP B 2 -7.71 25.59 7.39
C TRP B 2 -8.83 25.58 8.41
C TRP B 2 -8.88 25.49 8.35
N VAL B 3 -8.70 24.73 9.43
CA VAL B 3 -9.71 24.53 10.49
C VAL B 3 -9.06 24.53 11.87
N ILE B 4 -9.89 24.60 12.91
CA ILE B 4 -9.50 24.40 14.31
C ILE B 4 -9.67 22.88 14.49
N PRO B 5 -8.57 22.10 14.68
CA PRO B 5 -8.72 20.63 14.79
C PRO B 5 -9.39 20.16 16.07
N ALA B 6 -10.03 19.00 16.03
C6 A1ACR C . 4.06 22.29 -2.37
C5 A1ACR C . 4.79 21.55 -3.48
C11 A1ACR C . 6.01 16.25 -6.09
C7 A1ACR C . 4.00 23.72 -2.91
C12 A1ACR C . 5.63 15.47 -7.17
C4 A1ACR C . 5.11 20.21 -3.60
C2 A1ACR C . 5.70 17.64 -6.03
C10 A1ACR C . 6.21 20.75 -5.79
C9 A1ACR C . 5.87 22.10 -5.65
N1 A1ACR C . 4.68 23.76 -4.15
CL1 A1ACR C . 6.84 15.51 -4.82
N2 A1ACR C . 4.93 15.99 -8.23
C A1ACR C . 4.63 17.31 -8.15
CL A1ACR C . 3.71 17.97 -9.43
C1 A1ACR C . 4.95 18.18 -7.12
N A1ACR C . 6.13 18.41 -4.97
C3 A1ACR C . 5.83 19.81 -4.79
C8 A1ACR C . 5.16 22.49 -4.50
O A1ACR C . 3.43 24.70 -2.44
CL CL D . -5.50 -1.07 5.07
S DMS E . -9.35 29.47 11.57
O DMS E . -10.53 28.63 11.80
C1 DMS E . -8.20 28.34 10.84
C2 DMS E . -9.77 30.40 10.14
#